data_2XDV
#
_entry.id   2XDV
#
_cell.length_a   185.180
_cell.length_b   185.180
_cell.length_c   185.180
_cell.angle_alpha   90.00
_cell.angle_beta   90.00
_cell.angle_gamma   90.00
#
_symmetry.space_group_name_H-M   'P 43 3 2'
#
loop_
_entity.id
_entity.type
_entity.pdbx_description
1 polymer 'MYC-INDUCED NUCLEAR ANTIGEN'
2 non-polymer N-OXALYLGLYCINE
3 non-polymer 'NICKEL (II) ION'
4 non-polymer 'MANGANESE (II) ION'
5 non-polymer 1,2-ETHANEDIOL
6 non-polymer 'CADMIUM ION'
7 water water
#
_entity_poly.entity_id   1
_entity_poly.type   'polypeptide(L)'
_entity_poly.pdbx_seq_one_letter_code
;SMAAGGPSALNFDSPSSLFESLISPIKTETFFKEFWEQKPLLIQRDDPALATYYGSLFKLTDLKSLCSRGMYYGRDVNVC
RCVNGKKKVLNKDGKAHFLQLRKDFDQKRATIQFHQPQRFKDELWRIQEKLECYFGSLVGSNVYITPAGSQGLPPHYDDV
EVFILQLEGEKHWRLYHPTVPLAREYSVEAEERIGRPVHEFMLKPGDLLYFPRGTIHQADTPAGLAHSTHVTISTYQNNS
WGDFLLDTISGLVFDTAKEDVELRTGIPRQLLLQVESTTVATRRLSGFLRTLADRLEGTKELLSSDMKKDFIMHRLPPYS
AGDGAELSTPGGKLPRLDSVVRLQFKDHIVLTVLPDQDQSDETQEKMVYIYHSLKNSRETHMMGNEEETEFHGLRFPLSH
LDALKQIWNSPAISVKDLKLTTDEEKESLVLSLWTECLIQVV
;
_entity_poly.pdbx_strand_id   A
#
loop_
_chem_comp.id
_chem_comp.type
_chem_comp.name
_chem_comp.formula
CD non-polymer 'CADMIUM ION' 'Cd 2'
EDO non-polymer 1,2-ETHANEDIOL 'C2 H6 O2'
MN non-polymer 'MANGANESE (II) ION' 'Mn 2'
NI non-polymer 'NICKEL (II) ION' 'Ni 2'
OGA non-polymer N-OXALYLGLYCINE 'C4 H5 N O5'
#
# COMPACT_ATOMS: atom_id res chain seq x y z
N PRO A 7 21.10 -1.49 15.63
CA PRO A 7 21.15 -2.02 14.26
C PRO A 7 19.93 -2.90 13.94
N SER A 8 19.76 -4.01 14.68
CA SER A 8 18.65 -4.97 14.54
C SER A 8 17.34 -4.36 15.02
N ALA A 9 17.39 -3.54 16.11
CA ALA A 9 16.23 -2.88 16.71
C ALA A 9 15.54 -2.01 15.68
N LEU A 10 14.20 -2.04 15.65
CA LEU A 10 13.45 -1.26 14.66
C LEU A 10 13.55 0.23 14.93
N ASN A 11 14.06 0.97 13.92
CA ASN A 11 14.29 2.41 13.94
C ASN A 11 13.11 3.14 13.29
N PHE A 12 12.24 3.74 14.12
CA PHE A 12 11.03 4.47 13.69
C PHE A 12 11.24 5.95 13.36
N ASP A 13 12.49 6.36 13.07
CA ASP A 13 12.79 7.77 12.75
C ASP A 13 12.12 8.24 11.47
N SER A 14 12.13 7.39 10.42
CA SER A 14 11.55 7.69 9.13
C SER A 14 11.03 6.40 8.48
N PRO A 15 10.17 6.46 7.43
CA PRO A 15 9.73 5.22 6.76
C PRO A 15 10.92 4.40 6.23
N SER A 16 11.95 5.10 5.71
CA SER A 16 13.21 4.55 5.18
C SER A 16 14.01 3.81 6.26
N SER A 17 14.21 4.44 7.44
CA SER A 17 14.93 3.81 8.55
C SER A 17 14.15 2.62 9.09
N LEU A 18 12.80 2.67 9.06
CA LEU A 18 12.08 1.48 9.52
C LEU A 18 12.31 0.28 8.58
N PHE A 19 12.17 0.49 7.25
CA PHE A 19 12.37 -0.57 6.29
C PHE A 19 13.80 -1.12 6.32
N GLU A 20 14.81 -0.24 6.40
CA GLU A 20 16.23 -0.60 6.49
CA GLU A 20 16.23 -0.64 6.47
C GLU A 20 16.48 -1.51 7.71
N SER A 21 15.86 -1.18 8.87
CA SER A 21 16.03 -1.95 10.09
C SER A 21 15.26 -3.29 10.06
N LEU A 22 14.08 -3.32 9.41
CA LEU A 22 13.21 -4.50 9.28
C LEU A 22 13.91 -5.67 8.55
N ILE A 23 14.63 -5.36 7.46
CA ILE A 23 15.36 -6.33 6.63
C ILE A 23 16.86 -6.47 7.02
N SER A 24 17.27 -5.88 8.16
CA SER A 24 18.66 -5.96 8.65
C SER A 24 19.12 -7.43 8.74
N PRO A 25 20.34 -7.82 8.32
CA PRO A 25 21.48 -7.02 7.83
C PRO A 25 21.49 -6.70 6.33
N ILE A 26 20.42 -7.05 5.58
CA ILE A 26 20.33 -6.81 4.13
C ILE A 26 20.15 -5.32 3.83
N LYS A 27 20.93 -4.80 2.86
CA LYS A 27 20.85 -3.40 2.43
C LYS A 27 19.70 -3.25 1.45
N THR A 28 18.93 -2.13 1.53
CA THR A 28 17.78 -1.83 0.67
C THR A 28 18.11 -1.82 -0.83
N GLU A 29 19.33 -1.43 -1.19
CA GLU A 29 19.83 -1.42 -2.57
C GLU A 29 19.83 -2.86 -3.09
N THR A 30 20.30 -3.82 -2.24
CA THR A 30 20.37 -5.25 -2.54
C THR A 30 18.98 -5.83 -2.69
N PHE A 31 18.08 -5.48 -1.72
CA PHE A 31 16.70 -5.95 -1.69
C PHE A 31 15.96 -5.56 -2.97
N PHE A 32 16.08 -4.29 -3.37
CA PHE A 32 15.42 -3.85 -4.59
C PHE A 32 16.01 -4.34 -5.89
N LYS A 33 17.35 -4.56 -5.92
CA LYS A 33 18.02 -5.02 -7.13
C LYS A 33 17.80 -6.50 -7.35
N GLU A 34 17.96 -7.28 -6.28
CA GLU A 34 17.90 -8.75 -6.34
C GLU A 34 16.62 -9.46 -5.94
N PHE A 35 15.90 -8.95 -4.92
CA PHE A 35 14.78 -9.69 -4.35
C PHE A 35 13.38 -9.25 -4.69
N TRP A 36 13.06 -7.95 -4.48
CA TRP A 36 11.76 -7.37 -4.71
C TRP A 36 11.17 -7.72 -6.06
N GLU A 37 10.02 -8.44 -6.02
CA GLU A 37 9.25 -8.93 -7.18
C GLU A 37 10.05 -9.91 -8.05
N GLN A 38 11.03 -10.58 -7.44
CA GLN A 38 11.89 -11.50 -8.21
C GLN A 38 12.02 -12.85 -7.56
N LYS A 39 12.39 -12.88 -6.28
CA LYS A 39 12.63 -14.16 -5.63
C LYS A 39 12.57 -14.05 -4.09
N PRO A 40 12.42 -15.17 -3.38
CA PRO A 40 12.43 -15.13 -1.91
C PRO A 40 13.76 -14.70 -1.27
N LEU A 41 13.65 -14.09 -0.10
CA LEU A 41 14.72 -13.65 0.76
C LEU A 41 14.45 -14.22 2.12
N LEU A 42 15.36 -15.06 2.61
CA LEU A 42 15.26 -15.62 3.93
C LEU A 42 16.32 -14.95 4.82
N ILE A 43 15.88 -14.29 5.90
CA ILE A 43 16.82 -13.67 6.85
C ILE A 43 16.76 -14.45 8.16
N GLN A 44 17.71 -15.38 8.32
CA GLN A 44 17.85 -16.19 9.55
C GLN A 44 18.85 -15.46 10.44
N ARG A 45 18.46 -15.21 11.68
CA ARG A 45 19.27 -14.41 12.59
C ARG A 45 19.70 -15.12 13.85
N ASP A 46 20.55 -14.45 14.60
CA ASP A 46 21.08 -14.89 15.85
C ASP A 46 21.15 -13.64 16.78
N ASP A 47 19.96 -13.11 17.06
CA ASP A 47 19.71 -11.90 17.81
C ASP A 47 18.65 -12.16 18.90
N PRO A 48 19.05 -12.56 20.13
CA PRO A 48 18.05 -12.82 21.19
C PRO A 48 17.16 -11.63 21.57
N ALA A 49 17.67 -10.38 21.40
CA ALA A 49 16.93 -9.13 21.67
C ALA A 49 15.77 -8.97 20.67
N LEU A 50 16.05 -9.15 19.36
CA LEU A 50 15.08 -9.09 18.25
C LEU A 50 14.05 -10.23 18.39
N ALA A 51 14.51 -11.43 18.82
CA ALA A 51 13.65 -12.60 19.06
C ALA A 51 12.62 -12.27 20.16
N THR A 52 13.07 -11.63 21.28
CA THR A 52 12.20 -11.17 22.37
C THR A 52 11.22 -10.10 21.81
N TYR A 53 11.73 -9.17 20.97
CA TYR A 53 10.93 -8.10 20.35
C TYR A 53 9.81 -8.69 19.45
N TYR A 54 10.17 -9.60 18.53
CA TYR A 54 9.20 -10.29 17.67
C TYR A 54 8.15 -11.00 18.53
N GLY A 55 8.60 -11.69 19.58
CA GLY A 55 7.72 -12.39 20.53
C GLY A 55 6.69 -11.51 21.21
N SER A 56 6.91 -10.16 21.22
CA SER A 56 6.01 -9.20 21.85
C SER A 56 4.96 -8.64 20.87
N LEU A 57 5.23 -8.75 19.53
CA LEU A 57 4.33 -8.27 18.46
C LEU A 57 2.95 -8.94 18.53
N PHE A 58 2.90 -10.25 18.80
CA PHE A 58 1.64 -10.98 18.96
C PHE A 58 1.94 -12.27 19.67
N LYS A 59 1.05 -12.64 20.59
CA LYS A 59 1.21 -13.86 21.39
C LYS A 59 -0.07 -14.66 21.33
N LEU A 60 0.03 -15.99 21.53
CA LEU A 60 -1.14 -16.87 21.63
C LEU A 60 -2.09 -16.32 22.70
N THR A 61 -1.53 -15.73 23.78
CA THR A 61 -2.27 -15.12 24.89
C THR A 61 -3.15 -13.92 24.44
N ASP A 62 -2.72 -13.16 23.38
CA ASP A 62 -3.45 -12.02 22.81
C ASP A 62 -4.79 -12.43 22.17
N LEU A 63 -4.92 -13.69 21.78
CA LEU A 63 -6.14 -14.26 21.22
C LEU A 63 -7.14 -14.47 22.36
N LYS A 64 -6.62 -14.76 23.59
CA LYS A 64 -7.39 -14.98 24.82
C LYS A 64 -7.61 -13.65 25.59
N SER A 65 -7.01 -12.56 25.10
CA SER A 65 -7.19 -11.20 25.63
C SER A 65 -8.38 -10.61 24.86
N LEU A 66 -8.84 -11.36 23.84
CA LEU A 66 -10.01 -11.14 23.02
C LEU A 66 -10.99 -12.21 23.57
N CYS A 67 -11.18 -12.18 24.91
CA CYS A 67 -12.02 -13.04 25.76
C CYS A 67 -12.13 -12.42 27.18
N LYS A 103 -14.95 -13.95 14.34
CA LYS A 103 -15.12 -12.73 13.54
C LYS A 103 -13.77 -12.06 13.16
N ASP A 104 -12.93 -11.76 14.17
CA ASP A 104 -11.59 -11.17 14.01
C ASP A 104 -10.58 -12.22 13.53
N PHE A 105 -11.04 -13.47 13.38
CA PHE A 105 -10.22 -14.61 13.00
C PHE A 105 -10.99 -15.69 12.28
N ASP A 106 -10.29 -16.47 11.45
CA ASP A 106 -10.78 -17.64 10.75
C ASP A 106 -10.15 -18.90 11.39
N GLN A 107 -10.83 -20.04 11.19
CA GLN A 107 -10.40 -21.34 11.64
C GLN A 107 -10.38 -22.24 10.40
N LYS A 108 -9.29 -22.14 9.64
CA LYS A 108 -9.04 -22.89 8.42
C LYS A 108 -8.33 -24.19 8.83
N ARG A 109 -9.07 -25.33 8.83
CA ARG A 109 -8.57 -26.64 9.23
C ARG A 109 -7.92 -26.58 10.63
N ALA A 110 -6.63 -26.90 10.76
CA ALA A 110 -5.91 -26.87 12.03
C ALA A 110 -5.07 -25.58 12.20
N THR A 111 -5.50 -24.47 11.59
CA THR A 111 -4.81 -23.17 11.64
C THR A 111 -5.77 -22.05 12.02
N ILE A 112 -5.41 -21.25 13.02
CA ILE A 112 -6.18 -20.05 13.41
C ILE A 112 -5.53 -18.87 12.65
N GLN A 113 -6.35 -18.06 12.00
CA GLN A 113 -5.84 -16.89 11.31
C GLN A 113 -6.49 -15.67 11.93
N PHE A 114 -5.71 -14.83 12.64
CA PHE A 114 -6.22 -13.59 13.23
C PHE A 114 -6.02 -12.45 12.21
N HIS A 115 -7.11 -11.86 11.73
CA HIS A 115 -7.08 -10.74 10.78
C HIS A 115 -6.76 -9.44 11.41
N GLN A 116 -5.90 -8.67 10.73
CA GLN A 116 -5.51 -7.29 11.06
C GLN A 116 -5.20 -7.02 12.54
N PRO A 117 -4.17 -7.66 13.13
CA PRO A 117 -3.85 -7.40 14.56
C PRO A 117 -3.45 -5.95 14.89
N GLN A 118 -3.07 -5.13 13.86
CA GLN A 118 -2.70 -3.72 14.03
C GLN A 118 -3.86 -2.88 14.58
N ARG A 119 -5.09 -3.42 14.54
CA ARG A 119 -6.30 -2.80 15.09
C ARG A 119 -6.17 -2.66 16.62
N PHE A 120 -5.46 -3.60 17.29
CA PHE A 120 -5.24 -3.70 18.74
C PHE A 120 -3.77 -3.67 19.18
N LYS A 121 -2.85 -4.17 18.35
CA LYS A 121 -1.43 -4.19 18.70
C LYS A 121 -0.71 -2.91 18.24
N ASP A 122 -0.27 -2.09 19.21
CA ASP A 122 0.38 -0.79 18.97
C ASP A 122 1.65 -0.83 18.12
N GLU A 123 2.53 -1.78 18.39
CA GLU A 123 3.81 -1.95 17.72
C GLU A 123 3.64 -2.28 16.23
N LEU A 124 2.65 -3.16 15.91
CA LEU A 124 2.29 -3.52 14.54
C LEU A 124 1.65 -2.34 13.81
N TRP A 125 0.89 -1.49 14.53
CA TRP A 125 0.31 -0.28 13.96
C TRP A 125 1.47 0.64 13.56
N ARG A 126 2.44 0.82 14.47
CA ARG A 126 3.64 1.62 14.29
C ARG A 126 4.46 1.13 13.07
N ILE A 127 4.65 -0.18 12.93
CA ILE A 127 5.39 -0.78 11.81
C ILE A 127 4.65 -0.59 10.47
N GLN A 128 3.38 -1.04 10.40
CA GLN A 128 2.56 -0.99 9.20
C GLN A 128 2.27 0.39 8.66
N GLU A 129 2.13 1.38 9.55
CA GLU A 129 1.91 2.76 9.14
C GLU A 129 3.15 3.27 8.39
N LYS A 130 4.35 2.99 8.94
CA LYS A 130 5.65 3.37 8.38
C LYS A 130 5.87 2.74 7.01
N LEU A 131 5.44 1.47 6.84
CA LEU A 131 5.55 0.75 5.58
C LEU A 131 4.63 1.30 4.51
N GLU A 132 3.43 1.80 4.90
CA GLU A 132 2.48 2.43 3.96
C GLU A 132 3.10 3.70 3.37
N CYS A 133 3.79 4.52 4.21
CA CYS A 133 4.53 5.71 3.78
C CYS A 133 5.64 5.26 2.80
N TYR A 134 6.40 4.22 3.16
CA TYR A 134 7.51 3.69 2.37
C TYR A 134 7.08 3.09 1.02
N PHE A 135 5.99 2.29 1.00
CA PHE A 135 5.53 1.64 -0.23
C PHE A 135 4.52 2.46 -1.05
N GLY A 136 3.73 3.30 -0.40
CA GLY A 136 2.67 4.07 -1.05
C GLY A 136 1.56 3.12 -1.46
N SER A 137 1.34 2.09 -0.62
CA SER A 137 0.40 1.01 -0.83
C SER A 137 -0.11 0.59 0.54
N LEU A 138 -1.40 0.13 0.63
CA LEU A 138 -1.98 -0.37 1.88
C LEU A 138 -1.17 -1.56 2.36
N VAL A 139 -0.98 -1.65 3.68
CA VAL A 139 -0.18 -2.66 4.34
C VAL A 139 -1.02 -3.29 5.45
N GLY A 140 -1.55 -4.49 5.17
CA GLY A 140 -2.32 -5.25 6.13
C GLY A 140 -1.50 -6.37 6.71
N SER A 141 -2.06 -7.08 7.70
CA SER A 141 -1.37 -8.23 8.27
C SER A 141 -2.33 -9.25 8.80
N ASN A 142 -1.87 -10.51 8.86
CA ASN A 142 -2.60 -11.64 9.38
C ASN A 142 -1.67 -12.44 10.24
N VAL A 143 -2.15 -12.89 11.40
CA VAL A 143 -1.40 -13.75 12.32
C VAL A 143 -1.84 -15.20 12.05
N TYR A 144 -0.89 -16.14 11.97
CA TYR A 144 -1.16 -17.57 11.74
C TYR A 144 -0.64 -18.34 12.92
N ILE A 145 -1.53 -19.11 13.58
CA ILE A 145 -1.20 -19.94 14.73
C ILE A 145 -1.55 -21.40 14.42
N THR A 146 -0.54 -22.28 14.47
CA THR A 146 -0.68 -23.71 14.14
C THR A 146 -0.06 -24.53 15.26
N PRO A 147 -0.82 -25.51 15.83
CA PRO A 147 -0.24 -26.35 16.89
C PRO A 147 0.81 -27.31 16.36
N ALA A 148 1.76 -27.68 17.25
CA ALA A 148 2.83 -28.61 16.96
C ALA A 148 2.30 -29.87 16.34
N GLY A 149 2.92 -30.28 15.23
CA GLY A 149 2.59 -31.50 14.52
C GLY A 149 1.51 -31.37 13.49
N SER A 150 0.98 -30.17 13.30
CA SER A 150 -0.09 -29.96 12.34
C SER A 150 0.35 -29.31 11.07
N GLN A 151 -0.22 -29.76 9.95
CA GLN A 151 0.01 -29.14 8.64
C GLN A 151 -0.78 -27.82 8.62
N GLY A 152 -0.24 -26.81 7.96
CA GLY A 152 -0.92 -25.53 7.80
C GLY A 152 -1.92 -25.61 6.66
N LEU A 153 -1.99 -24.53 5.87
CA LEU A 153 -2.89 -24.44 4.71
C LEU A 153 -2.27 -25.30 3.59
N PRO A 154 -3.06 -25.85 2.63
CA PRO A 154 -2.45 -26.62 1.52
C PRO A 154 -1.60 -25.75 0.54
N PRO A 155 -0.76 -26.31 -0.38
CA PRO A 155 0.03 -25.44 -1.27
C PRO A 155 -0.80 -24.41 -2.03
N HIS A 156 -0.31 -23.16 -2.07
CA HIS A 156 -0.99 -22.04 -2.72
C HIS A 156 -0.01 -20.90 -2.98
N TYR A 157 -0.49 -19.88 -3.73
CA TYR A 157 0.18 -18.61 -3.94
C TYR A 157 -0.83 -17.50 -3.62
N ASP A 158 -0.32 -16.32 -3.25
CA ASP A 158 -1.11 -15.16 -2.86
C ASP A 158 -0.92 -14.04 -3.91
N ASP A 159 -1.74 -12.97 -3.84
CA ASP A 159 -1.73 -11.81 -4.76
C ASP A 159 -1.01 -10.57 -4.15
N VAL A 160 -0.20 -10.80 -3.09
CA VAL A 160 0.48 -9.74 -2.34
C VAL A 160 1.95 -10.04 -2.13
N GLU A 161 2.75 -8.99 -1.90
CA GLU A 161 4.17 -9.06 -1.54
C GLU A 161 4.18 -9.26 -0.03
N VAL A 162 4.87 -10.29 0.49
CA VAL A 162 4.80 -10.58 1.93
C VAL A 162 6.11 -10.50 2.66
N PHE A 163 6.05 -10.08 3.95
CA PHE A 163 7.15 -10.07 4.93
C PHE A 163 6.61 -10.88 6.12
N ILE A 164 7.10 -12.10 6.26
CA ILE A 164 6.72 -13.02 7.32
C ILE A 164 7.72 -12.87 8.47
N LEU A 165 7.20 -12.59 9.67
CA LEU A 165 7.99 -12.44 10.88
C LEU A 165 7.62 -13.61 11.79
N GLN A 166 8.61 -14.44 12.15
CA GLN A 166 8.39 -15.57 13.04
C GLN A 166 8.43 -15.05 14.48
N LEU A 167 7.31 -15.23 15.21
CA LEU A 167 7.09 -14.66 16.54
C LEU A 167 7.22 -15.65 17.67
N GLU A 168 6.65 -16.86 17.52
CA GLU A 168 6.69 -17.91 18.55
C GLU A 168 6.88 -19.24 17.86
N GLY A 169 7.77 -20.06 18.43
CA GLY A 169 8.05 -21.41 17.95
C GLY A 169 8.68 -21.46 16.59
N GLU A 170 8.71 -22.67 16.00
CA GLU A 170 9.29 -22.93 14.69
C GLU A 170 8.23 -23.38 13.67
N LYS A 171 8.47 -23.13 12.39
CA LYS A 171 7.57 -23.57 11.32
C LYS A 171 8.43 -24.02 10.17
N HIS A 172 8.07 -25.17 9.58
CA HIS A 172 8.80 -25.76 8.49
C HIS A 172 8.21 -25.30 7.17
N TRP A 173 8.97 -24.49 6.40
CA TRP A 173 8.56 -23.95 5.10
C TRP A 173 9.15 -24.67 3.88
N ARG A 174 8.35 -24.79 2.83
CA ARG A 174 8.73 -25.30 1.51
C ARG A 174 8.18 -24.31 0.50
N LEU A 175 9.08 -23.78 -0.35
CA LEU A 175 8.78 -22.79 -1.41
C LEU A 175 9.03 -23.45 -2.72
N TYR A 176 8.13 -23.22 -3.67
CA TYR A 176 8.19 -23.83 -5.00
C TYR A 176 8.22 -22.74 -6.08
N HIS A 177 8.61 -23.13 -7.30
N HIS A 177 8.59 -23.14 -7.30
CA HIS A 177 8.66 -22.24 -8.46
CA HIS A 177 8.63 -22.25 -8.46
C HIS A 177 7.24 -21.77 -8.79
C HIS A 177 7.21 -21.77 -8.75
N PRO A 178 6.99 -20.47 -9.06
CA PRO A 178 5.64 -20.02 -9.41
C PRO A 178 5.14 -20.67 -10.71
N THR A 179 3.85 -21.00 -10.76
CA THR A 179 3.20 -21.48 -11.99
C THR A 179 2.73 -20.21 -12.75
N VAL A 180 2.40 -19.15 -11.98
CA VAL A 180 1.96 -17.83 -12.45
C VAL A 180 2.87 -16.73 -11.80
N PRO A 181 4.01 -16.38 -12.42
CA PRO A 181 4.91 -15.38 -11.81
C PRO A 181 4.17 -14.06 -11.68
N LEU A 182 4.27 -13.41 -10.51
CA LEU A 182 3.60 -12.15 -10.19
C LEU A 182 2.09 -12.22 -10.34
N ALA A 183 1.50 -13.32 -9.86
CA ALA A 183 0.05 -13.59 -9.84
C ALA A 183 -0.74 -12.38 -9.32
N ARG A 184 -1.92 -12.14 -9.92
CA ARG A 184 -2.87 -11.07 -9.62
C ARG A 184 -3.97 -11.59 -8.73
N GLU A 185 -4.02 -12.90 -8.50
CA GLU A 185 -5.04 -13.54 -7.68
C GLU A 185 -4.45 -14.63 -6.81
N TYR A 186 -5.18 -14.99 -5.78
CA TYR A 186 -4.83 -16.09 -4.90
C TYR A 186 -5.29 -17.41 -5.60
N SER A 187 -4.57 -18.54 -5.36
CA SER A 187 -4.95 -19.85 -5.86
C SER A 187 -4.25 -20.97 -5.15
N VAL A 188 -4.97 -22.07 -4.91
CA VAL A 188 -4.37 -23.29 -4.39
C VAL A 188 -3.78 -23.99 -5.63
N GLU A 189 -2.77 -24.79 -5.41
CA GLU A 189 -2.14 -25.55 -6.46
C GLU A 189 -2.01 -26.97 -5.98
N ALA A 190 -2.34 -27.94 -6.84
CA ALA A 190 -2.25 -29.36 -6.51
C ALA A 190 -0.79 -29.78 -6.38
N GLU A 191 -0.45 -30.60 -5.38
CA GLU A 191 0.92 -31.12 -5.12
C GLU A 191 1.63 -31.73 -6.35
N GLU A 192 0.84 -32.28 -7.30
CA GLU A 192 1.36 -32.89 -8.55
C GLU A 192 1.56 -31.87 -9.69
N ARG A 193 1.41 -30.58 -9.40
CA ARG A 193 1.56 -29.53 -10.40
C ARG A 193 2.69 -28.57 -10.00
N ILE A 194 3.16 -28.64 -8.73
CA ILE A 194 4.12 -27.73 -8.11
C ILE A 194 5.60 -28.13 -8.20
N GLY A 195 5.84 -29.41 -8.48
CA GLY A 195 7.19 -29.98 -8.53
C GLY A 195 7.81 -30.11 -7.16
N ARG A 196 9.15 -30.14 -7.13
CA ARG A 196 9.90 -30.29 -5.90
C ARG A 196 10.18 -28.93 -5.28
N PRO A 197 10.35 -28.81 -3.95
CA PRO A 197 10.61 -27.49 -3.38
C PRO A 197 11.91 -26.90 -3.96
N VAL A 198 11.98 -25.61 -4.04
CA VAL A 198 13.16 -24.90 -4.52
C VAL A 198 13.94 -24.46 -3.27
N HIS A 199 13.23 -24.04 -2.22
N HIS A 199 13.24 -24.08 -2.20
CA HIS A 199 13.76 -23.63 -0.93
CA HIS A 199 13.83 -23.74 -0.93
C HIS A 199 12.98 -24.41 0.14
C HIS A 199 13.00 -24.28 0.22
N GLU A 200 13.68 -24.85 1.20
CA GLU A 200 13.11 -25.53 2.38
C GLU A 200 13.92 -25.10 3.61
N PHE A 201 13.24 -24.68 4.67
CA PHE A 201 13.90 -24.17 5.86
C PHE A 201 12.98 -24.22 7.05
N MET A 202 13.54 -23.95 8.23
CA MET A 202 12.84 -23.88 9.50
C MET A 202 12.96 -22.43 10.01
N LEU A 203 11.84 -21.75 10.18
CA LEU A 203 11.82 -20.39 10.73
C LEU A 203 11.77 -20.46 12.26
N LYS A 204 12.48 -19.58 12.95
CA LYS A 204 12.45 -19.53 14.41
C LYS A 204 12.25 -18.06 14.86
N PRO A 205 11.89 -17.75 16.13
CA PRO A 205 11.62 -16.32 16.46
C PRO A 205 12.80 -15.40 16.17
N GLY A 206 12.49 -14.28 15.52
CA GLY A 206 13.48 -13.28 15.13
C GLY A 206 13.87 -13.39 13.67
N ASP A 207 13.35 -14.42 12.96
CA ASP A 207 13.59 -14.65 11.54
C ASP A 207 12.55 -13.97 10.66
N LEU A 208 13.00 -13.49 9.51
CA LEU A 208 12.12 -12.86 8.53
C LEU A 208 12.22 -13.61 7.20
N LEU A 209 11.10 -13.72 6.50
CA LEU A 209 11.00 -14.32 5.19
C LEU A 209 10.19 -13.40 4.28
N TYR A 210 10.81 -12.96 3.18
CA TYR A 210 10.14 -12.18 2.15
C TYR A 210 9.97 -13.08 0.91
N PHE A 211 8.83 -13.00 0.22
CA PHE A 211 8.63 -13.63 -1.07
C PHE A 211 7.63 -12.88 -1.95
N PRO A 212 7.84 -12.82 -3.29
CA PRO A 212 6.90 -12.07 -4.15
C PRO A 212 5.59 -12.79 -4.39
N ARG A 213 4.58 -12.07 -4.89
CA ARG A 213 3.27 -12.66 -5.22
C ARG A 213 3.43 -13.70 -6.32
N GLY A 214 2.70 -14.80 -6.20
CA GLY A 214 2.87 -15.90 -7.15
C GLY A 214 3.78 -17.01 -6.65
N THR A 215 4.51 -16.80 -5.53
CA THR A 215 5.41 -17.81 -4.94
C THR A 215 4.54 -18.90 -4.30
N ILE A 216 4.63 -20.15 -4.82
CA ILE A 216 3.87 -21.26 -4.28
C ILE A 216 4.58 -21.66 -2.97
N HIS A 217 3.84 -21.83 -1.90
CA HIS A 217 4.40 -22.13 -0.61
C HIS A 217 3.45 -22.99 0.21
N GLN A 218 4.01 -23.60 1.24
CA GLN A 218 3.29 -24.42 2.19
C GLN A 218 4.15 -24.57 3.44
N ALA A 219 3.53 -24.55 4.62
CA ALA A 219 4.21 -24.63 5.91
C ALA A 219 3.49 -25.55 6.87
N ASP A 220 4.21 -26.14 7.81
CA ASP A 220 3.67 -27.07 8.80
C ASP A 220 4.48 -26.92 10.08
N THR A 221 3.84 -27.12 11.25
CA THR A 221 4.55 -27.01 12.52
C THR A 221 5.20 -28.34 12.87
N PRO A 222 6.53 -28.33 13.09
CA PRO A 222 7.20 -29.58 13.46
C PRO A 222 6.59 -30.24 14.69
N ALA A 223 6.58 -31.58 14.70
CA ALA A 223 6.11 -32.33 15.84
C ALA A 223 6.99 -31.93 17.04
N GLY A 224 6.36 -31.82 18.19
CA GLY A 224 7.03 -31.39 19.41
C GLY A 224 6.02 -30.81 20.35
N LEU A 225 6.48 -29.91 21.22
CA LEU A 225 5.63 -29.26 22.22
C LEU A 225 5.14 -27.90 21.76
N ALA A 226 6.01 -27.14 21.08
CA ALA A 226 5.78 -25.76 20.66
C ALA A 226 4.87 -25.52 19.46
N HIS A 227 3.83 -24.68 19.63
CA HIS A 227 3.01 -24.22 18.50
C HIS A 227 3.82 -23.16 17.73
N SER A 228 3.36 -22.77 16.55
CA SER A 228 3.99 -21.72 15.76
C SER A 228 3.05 -20.53 15.66
N THR A 229 3.61 -19.32 15.79
CA THR A 229 2.93 -18.03 15.60
C THR A 229 3.80 -17.19 14.67
N HIS A 230 3.21 -16.71 13.58
CA HIS A 230 3.89 -15.79 12.69
C HIS A 230 2.92 -14.74 12.24
N VAL A 231 3.46 -13.58 11.84
CA VAL A 231 2.67 -12.49 11.25
C VAL A 231 3.13 -12.30 9.80
N THR A 232 2.17 -12.27 8.88
CA THR A 232 2.38 -12.03 7.47
C THR A 232 1.98 -10.63 7.16
N ILE A 233 2.97 -9.72 7.06
CA ILE A 233 2.73 -8.32 6.69
C ILE A 233 2.67 -8.29 5.15
N SER A 234 1.57 -7.81 4.56
CA SER A 234 1.41 -7.80 3.11
C SER A 234 1.11 -6.45 2.50
N THR A 235 1.55 -6.26 1.26
CA THR A 235 1.42 -5.02 0.52
C THR A 235 1.37 -5.32 -0.99
N TYR A 236 1.23 -4.27 -1.81
CA TYR A 236 1.23 -4.35 -3.26
C TYR A 236 0.12 -5.15 -3.89
N GLN A 237 -1.04 -5.19 -3.23
CA GLN A 237 -2.22 -5.81 -3.84
C GLN A 237 -2.76 -4.85 -4.92
N ASN A 238 -2.94 -5.31 -6.17
CA ASN A 238 -3.49 -4.52 -7.29
C ASN A 238 -2.79 -3.17 -7.48
N ASN A 239 -1.44 -3.22 -7.44
CA ASN A 239 -0.57 -2.06 -7.56
C ASN A 239 0.40 -2.26 -8.72
N SER A 240 -0.10 -2.82 -9.81
CA SER A 240 0.69 -3.11 -10.99
C SER A 240 0.59 -2.02 -12.05
N TRP A 241 1.44 -2.13 -13.10
CA TRP A 241 1.45 -1.19 -14.23
C TRP A 241 0.11 -1.21 -14.94
N GLY A 242 -0.53 -2.39 -14.99
CA GLY A 242 -1.86 -2.59 -15.56
C GLY A 242 -2.94 -1.83 -14.82
N ASP A 243 -2.88 -1.84 -13.47
CA ASP A 243 -3.79 -1.13 -12.58
C ASP A 243 -3.59 0.37 -12.70
N PHE A 244 -2.31 0.80 -12.82
CA PHE A 244 -1.95 2.20 -12.93
C PHE A 244 -2.39 2.77 -14.25
N LEU A 245 -2.22 2.00 -15.35
CA LEU A 245 -2.65 2.41 -16.69
C LEU A 245 -4.17 2.61 -16.71
N LEU A 246 -4.96 1.69 -16.12
CA LEU A 246 -6.41 1.83 -16.08
C LEU A 246 -6.87 2.98 -15.16
N ASP A 247 -6.01 3.40 -14.23
CA ASP A 247 -6.30 4.44 -13.25
C ASP A 247 -6.06 5.85 -13.80
N THR A 248 -5.14 5.96 -14.80
CA THR A 248 -4.76 7.23 -15.39
C THR A 248 -5.35 7.49 -16.80
N ILE A 249 -5.84 6.45 -17.48
CA ILE A 249 -6.39 6.46 -18.84
C ILE A 249 -7.52 7.46 -19.07
N SER A 250 -8.42 7.62 -18.09
CA SER A 250 -9.53 8.56 -18.18
C SER A 250 -9.09 10.00 -18.35
N GLY A 251 -8.17 10.44 -17.49
CA GLY A 251 -7.64 11.79 -17.55
C GLY A 251 -7.00 12.08 -18.88
N LEU A 252 -6.31 11.09 -19.44
CA LEU A 252 -5.64 11.16 -20.73
C LEU A 252 -6.64 11.28 -21.89
N VAL A 253 -7.72 10.49 -21.88
CA VAL A 253 -8.77 10.52 -22.88
C VAL A 253 -9.55 11.85 -22.82
N PHE A 254 -9.89 12.33 -21.60
N PHE A 254 -9.90 12.35 -21.61
CA PHE A 254 -10.59 13.60 -21.36
CA PHE A 254 -10.62 13.63 -21.44
C PHE A 254 -9.81 14.76 -21.98
C PHE A 254 -9.82 14.80 -21.97
N ASP A 255 -8.48 14.80 -21.74
CA ASP A 255 -7.58 15.84 -22.26
C ASP A 255 -7.49 15.77 -23.77
N THR A 256 -7.29 14.56 -24.32
CA THR A 256 -7.18 14.33 -25.77
C THR A 256 -8.47 14.69 -26.52
N ALA A 257 -9.64 14.27 -25.98
CA ALA A 257 -10.95 14.53 -26.60
C ALA A 257 -11.30 16.02 -26.69
N LYS A 258 -10.74 16.87 -25.81
CA LYS A 258 -10.93 18.33 -25.78
C LYS A 258 -10.30 18.93 -27.04
N GLU A 259 -9.25 18.26 -27.57
CA GLU A 259 -8.51 18.68 -28.78
C GLU A 259 -8.80 17.85 -30.05
N ASP A 260 -9.32 16.62 -29.90
CA ASP A 260 -9.60 15.67 -30.99
C ASP A 260 -11.09 15.36 -31.09
N VAL A 261 -11.73 15.86 -32.14
CA VAL A 261 -13.15 15.66 -32.42
C VAL A 261 -13.49 14.18 -32.71
N GLU A 262 -12.52 13.37 -33.16
CA GLU A 262 -12.75 11.95 -33.44
C GLU A 262 -13.09 11.16 -32.20
N LEU A 263 -12.53 11.56 -31.05
CA LEU A 263 -12.83 10.94 -29.75
C LEU A 263 -14.21 11.40 -29.23
N ARG A 264 -14.68 12.56 -29.70
CA ARG A 264 -15.95 13.18 -29.34
C ARG A 264 -17.12 12.66 -30.19
N THR A 265 -16.78 11.99 -31.30
CA THR A 265 -17.74 11.45 -32.27
C THR A 265 -18.45 10.24 -31.71
N GLY A 266 -19.74 10.13 -31.97
CA GLY A 266 -20.55 9.01 -31.50
C GLY A 266 -20.16 7.69 -32.12
N ILE A 267 -20.36 6.60 -31.37
CA ILE A 267 -20.13 5.25 -31.86
C ILE A 267 -21.24 4.90 -32.88
N PRO A 268 -21.08 3.87 -33.74
CA PRO A 268 -22.18 3.52 -34.67
C PRO A 268 -23.42 3.06 -33.89
N ARG A 269 -24.63 3.27 -34.42
CA ARG A 269 -25.87 2.84 -33.75
C ARG A 269 -25.78 1.37 -33.39
N GLN A 270 -26.25 1.02 -32.18
CA GLN A 270 -26.31 -0.35 -31.63
C GLN A 270 -24.95 -1.02 -31.48
N LEU A 271 -23.79 -0.29 -31.41
CA LEU A 271 -22.46 -0.93 -31.31
C LEU A 271 -22.30 -1.78 -30.05
N LEU A 272 -22.85 -1.29 -28.91
CA LEU A 272 -22.86 -1.92 -27.60
C LEU A 272 -23.54 -3.28 -27.61
N LEU A 273 -24.43 -3.53 -28.57
CA LEU A 273 -25.19 -4.78 -28.67
C LEU A 273 -24.87 -5.63 -29.92
N GLN A 274 -24.77 -5.00 -31.11
CA GLN A 274 -24.48 -5.66 -32.39
C GLN A 274 -22.99 -5.58 -32.73
N GLU A 276 -21.34 -10.49 -29.78
CA GLU A 276 -20.15 -10.61 -30.63
C GLU A 276 -19.70 -9.25 -31.18
N SER A 277 -18.38 -8.99 -31.20
CA SER A 277 -17.77 -7.74 -31.66
C SER A 277 -17.49 -7.65 -33.19
N THR A 278 -17.08 -6.45 -33.67
CA THR A 278 -16.80 -6.15 -35.08
C THR A 278 -15.34 -5.75 -35.35
N THR A 279 -14.90 -5.88 -36.62
CA THR A 279 -13.56 -5.52 -37.11
C THR A 279 -13.32 -4.00 -37.08
N VAL A 280 -14.39 -3.23 -37.36
CA VAL A 280 -14.40 -1.76 -37.43
C VAL A 280 -14.01 -1.13 -36.09
N ALA A 281 -14.65 -1.57 -34.99
CA ALA A 281 -14.39 -1.06 -33.65
C ALA A 281 -12.93 -1.28 -33.21
N THR A 282 -12.40 -2.51 -33.37
CA THR A 282 -11.03 -2.85 -32.98
C THR A 282 -9.98 -2.02 -33.75
N ARG A 283 -10.23 -1.77 -35.03
CA ARG A 283 -9.32 -0.99 -35.86
C ARG A 283 -9.30 0.49 -35.46
N ARG A 284 -10.48 1.06 -35.09
CA ARG A 284 -10.60 2.46 -34.64
C ARG A 284 -9.90 2.61 -33.29
N LEU A 285 -10.18 1.67 -32.37
CA LEU A 285 -9.60 1.65 -31.03
C LEU A 285 -8.08 1.52 -31.06
N SER A 286 -7.52 0.77 -32.03
CA SER A 286 -6.07 0.62 -32.23
C SER A 286 -5.47 1.99 -32.57
N GLY A 287 -6.13 2.71 -33.49
CA GLY A 287 -5.74 4.06 -33.88
C GLY A 287 -5.76 5.02 -32.71
N PHE A 288 -6.84 4.97 -31.87
CA PHE A 288 -6.98 5.85 -30.71
C PHE A 288 -5.87 5.62 -29.70
N LEU A 289 -5.58 4.34 -29.40
CA LEU A 289 -4.55 3.96 -28.43
C LEU A 289 -3.17 4.40 -28.89
N ARG A 290 -2.92 4.37 -30.23
CA ARG A 290 -1.65 4.80 -30.82
C ARG A 290 -1.52 6.31 -30.72
N THR A 291 -2.63 7.05 -30.98
CA THR A 291 -2.68 8.51 -30.83
C THR A 291 -2.42 8.90 -29.36
N LEU A 292 -3.07 8.22 -28.38
CA LEU A 292 -2.88 8.47 -26.94
C LEU A 292 -1.43 8.23 -26.50
N ALA A 293 -0.77 7.18 -27.07
CA ALA A 293 0.64 6.86 -26.80
C ALA A 293 1.55 8.02 -27.24
N ASP A 294 1.30 8.61 -28.43
CA ASP A 294 2.02 9.77 -28.98
C ASP A 294 1.78 11.02 -28.11
N ARG A 295 0.55 11.19 -27.62
CA ARG A 295 0.11 12.29 -26.77
C ARG A 295 0.75 12.23 -25.38
N LEU A 296 1.05 11.01 -24.88
CA LEU A 296 1.69 10.78 -23.57
C LEU A 296 3.10 11.34 -23.47
N GLU A 297 3.85 11.28 -24.58
CA GLU A 297 5.24 11.78 -24.69
C GLU A 297 5.33 13.24 -24.22
N GLY A 298 4.36 14.05 -24.64
CA GLY A 298 4.26 15.46 -24.25
C GLY A 298 3.56 15.68 -22.92
N THR A 299 2.89 14.63 -22.36
CA THR A 299 2.19 14.70 -21.08
C THR A 299 3.15 14.84 -19.91
N LYS A 300 2.89 15.84 -19.06
CA LYS A 300 3.69 16.19 -17.89
C LYS A 300 3.01 15.75 -16.58
N GLU A 301 1.67 15.59 -16.58
CA GLU A 301 0.89 15.23 -15.39
C GLU A 301 -0.17 14.16 -15.65
N LEU A 302 -0.20 13.12 -14.80
CA LEU A 302 -1.17 12.02 -14.85
C LEU A 302 -2.13 12.13 -13.69
N LEU A 303 -3.43 11.92 -13.96
CA LEU A 303 -4.44 12.02 -12.94
C LEU A 303 -4.95 10.66 -12.51
N SER A 304 -5.02 10.44 -11.20
CA SER A 304 -5.51 9.21 -10.60
C SER A 304 -7.03 9.26 -10.48
N SER A 305 -7.73 8.32 -11.15
CA SER A 305 -9.19 8.22 -11.07
C SER A 305 -9.63 7.71 -9.69
N ASP A 306 -8.93 6.69 -9.09
CA ASP A 306 -9.30 6.09 -7.79
C ASP A 306 -8.16 5.61 -6.92
N MET A 307 -7.03 5.17 -7.52
CA MET A 307 -5.94 4.60 -6.72
C MET A 307 -5.45 5.46 -5.58
N LYS A 308 -5.08 6.71 -5.84
CA LYS A 308 -4.57 7.68 -4.85
C LYS A 308 -5.62 7.93 -3.75
N LYS A 309 -6.88 8.13 -4.14
CA LYS A 309 -8.05 8.38 -3.29
C LYS A 309 -8.33 7.14 -2.34
N ASP A 310 -8.32 5.90 -2.91
CA ASP A 310 -8.57 4.70 -2.12
CA ASP A 310 -8.54 4.66 -2.15
C ASP A 310 -7.44 4.45 -1.10
N PHE A 311 -6.18 4.75 -1.46
CA PHE A 311 -5.04 4.63 -0.56
C PHE A 311 -5.21 5.58 0.62
N ILE A 312 -5.49 6.86 0.36
CA ILE A 312 -5.70 7.89 1.38
C ILE A 312 -6.88 7.59 2.31
N MET A 313 -8.02 7.14 1.76
CA MET A 313 -9.19 6.83 2.58
C MET A 313 -9.05 5.61 3.47
N HIS A 314 -8.25 4.61 3.04
CA HIS A 314 -8.10 3.35 3.75
C HIS A 314 -6.88 3.13 4.58
N ARG A 315 -5.84 3.97 4.39
CA ARG A 315 -4.56 3.80 5.09
C ARG A 315 -4.67 4.03 6.61
N LEU A 316 -3.65 3.61 7.35
CA LEU A 316 -3.63 3.75 8.79
C LEU A 316 -3.41 5.21 9.19
N PRO A 317 -3.96 5.67 10.34
CA PRO A 317 -3.65 7.03 10.77
C PRO A 317 -2.20 7.07 11.34
N PRO A 318 -1.56 8.26 11.45
CA PRO A 318 -0.19 8.29 12.02
C PRO A 318 -0.21 7.83 13.48
N TYR A 319 0.84 7.12 13.91
CA TYR A 319 0.93 6.61 15.27
C TYR A 319 0.96 7.72 16.34
N SER A 320 0.04 7.62 17.32
CA SER A 320 -0.08 8.53 18.46
C SER A 320 -0.01 7.72 19.76
N ALA A 321 0.74 8.27 20.75
CA ALA A 321 0.96 7.65 22.07
C ALA A 321 -0.11 8.08 23.07
N LYS A 333 2.72 26.21 15.69
CA LYS A 333 2.64 27.67 15.85
C LYS A 333 1.61 28.23 14.87
N LEU A 334 0.87 29.26 15.26
CA LEU A 334 -0.17 29.81 14.40
C LEU A 334 0.37 30.63 13.21
N PRO A 335 0.00 30.29 11.95
CA PRO A 335 0.49 31.09 10.80
C PRO A 335 -0.06 32.51 10.76
N ARG A 336 0.72 33.42 10.20
CA ARG A 336 0.41 34.85 10.03
C ARG A 336 0.78 35.27 8.63
N LEU A 337 0.38 36.48 8.21
CA LEU A 337 0.69 36.98 6.86
C LEU A 337 2.19 37.03 6.55
N ASP A 338 3.02 37.31 7.58
CA ASP A 338 4.46 37.43 7.43
C ASP A 338 5.27 36.13 7.69
N SER A 339 4.57 35.02 7.88
CA SER A 339 5.26 33.75 8.14
C SER A 339 5.46 32.90 6.87
N VAL A 340 6.41 31.94 6.93
CA VAL A 340 6.70 31.05 5.80
C VAL A 340 6.09 29.68 6.12
N VAL A 341 5.30 29.13 5.19
CA VAL A 341 4.62 27.86 5.37
C VAL A 341 5.13 26.76 4.45
N ARG A 342 4.94 25.51 4.89
CA ARG A 342 5.35 24.30 4.21
C ARG A 342 4.26 23.27 4.42
N LEU A 343 3.85 22.61 3.32
CA LEU A 343 2.86 21.54 3.35
C LEU A 343 3.51 20.31 4.02
N GLN A 344 2.84 19.75 5.02
CA GLN A 344 3.36 18.56 5.70
C GLN A 344 2.40 17.36 5.44
N PHE A 345 2.94 16.09 5.53
CA PHE A 345 2.21 14.85 5.25
C PHE A 345 1.68 14.84 3.80
N LYS A 346 2.53 15.22 2.83
CA LYS A 346 2.17 15.33 1.42
C LYS A 346 1.56 14.04 0.83
N ASP A 347 2.07 12.86 1.25
CA ASP A 347 1.61 11.55 0.78
C ASP A 347 0.37 11.06 1.53
N HIS A 348 -0.23 11.94 2.37
CA HIS A 348 -1.44 11.67 3.16
C HIS A 348 -2.60 12.53 2.69
N ILE A 349 -2.41 13.28 1.57
CA ILE A 349 -3.40 14.25 1.07
C ILE A 349 -3.73 14.06 -0.42
N VAL A 350 -4.99 14.31 -0.78
CA VAL A 350 -5.53 14.32 -2.17
C VAL A 350 -6.13 15.72 -2.38
N LEU A 351 -5.82 16.35 -3.51
CA LEU A 351 -6.35 17.64 -3.94
C LEU A 351 -7.04 17.36 -5.29
N THR A 352 -8.40 17.40 -5.30
CA THR A 352 -9.23 17.18 -6.51
C THR A 352 -10.29 18.23 -6.73
N VAL A 353 -10.69 18.39 -7.99
CA VAL A 353 -11.76 19.30 -8.40
C VAL A 353 -13.01 18.43 -8.66
N LEU A 354 -14.12 18.72 -7.92
CA LEU A 354 -15.40 17.99 -8.02
C LEU A 354 -16.61 18.93 -8.14
N PRO A 355 -17.68 18.51 -8.85
CA PRO A 355 -18.87 19.40 -8.96
C PRO A 355 -19.76 19.35 -7.72
N GLU A 365 -21.55 23.56 -10.88
CA GLU A 365 -20.41 24.35 -10.41
C GLU A 365 -19.40 23.48 -9.63
N LYS A 366 -18.10 23.64 -9.99
CA LYS A 366 -17.00 22.88 -9.37
C LYS A 366 -16.34 23.59 -8.19
N MET A 367 -15.73 22.78 -7.29
CA MET A 367 -15.03 23.21 -6.07
C MET A 367 -13.73 22.41 -5.94
N VAL A 368 -12.78 22.94 -5.16
CA VAL A 368 -11.51 22.23 -4.90
C VAL A 368 -11.69 21.48 -3.57
N TYR A 369 -11.46 20.16 -3.57
CA TYR A 369 -11.59 19.31 -2.40
C TYR A 369 -10.25 18.79 -1.94
N ILE A 370 -10.00 18.90 -0.64
CA ILE A 370 -8.81 18.36 -0.01
C ILE A 370 -9.23 17.32 1.02
N TYR A 371 -8.67 16.13 0.94
CA TYR A 371 -8.89 15.07 1.92
C TYR A 371 -7.61 14.37 2.34
N HIS A 372 -7.53 14.02 3.61
CA HIS A 372 -6.33 13.42 4.22
C HIS A 372 -6.65 12.16 5.03
N SER A 373 -5.62 11.48 5.46
CA SER A 373 -5.72 10.23 6.19
C SER A 373 -5.37 10.37 7.66
N LEU A 374 -5.08 11.61 8.13
CA LEU A 374 -4.65 11.88 9.50
C LEU A 374 -5.65 11.51 10.60
N LYS A 375 -6.95 11.43 10.26
CA LYS A 375 -8.00 11.07 11.21
C LYS A 375 -8.72 9.76 10.83
N ASN A 376 -8.00 8.87 10.10
CA ASN A 376 -8.52 7.56 9.68
C ASN A 376 -8.68 6.64 10.88
N SER A 377 -9.68 5.77 10.85
CA SER A 377 -9.89 4.84 11.95
C SER A 377 -8.87 3.72 11.90
N ARG A 378 -8.17 3.52 13.01
CA ARG A 378 -7.19 2.47 13.17
C ARG A 378 -7.91 1.12 13.27
N GLU A 379 -9.05 1.09 14.02
CA GLU A 379 -9.88 -0.09 14.32
C GLU A 379 -10.57 -0.76 13.12
N THR A 380 -10.70 -0.02 12.02
CA THR A 380 -11.35 -0.52 10.80
C THR A 380 -10.36 -0.86 9.67
N HIS A 381 -9.08 -0.47 9.83
CA HIS A 381 -8.03 -0.72 8.85
C HIS A 381 -8.06 -2.14 8.25
N MET A 382 -8.28 -2.20 6.92
CA MET A 382 -8.29 -3.42 6.08
C MET A 382 -9.47 -4.37 6.28
N MET A 383 -10.48 -3.95 7.06
CA MET A 383 -11.66 -4.77 7.37
C MET A 383 -12.72 -4.73 6.28
N GLY A 384 -12.85 -3.59 5.59
CA GLY A 384 -13.79 -3.39 4.50
C GLY A 384 -15.26 -3.53 4.84
N ASN A 385 -15.79 -2.59 5.70
CA ASN A 385 -17.17 -2.48 6.20
C ASN A 385 -17.29 -1.39 7.26
N HIS A 392 -12.13 12.95 6.49
CA HIS A 392 -11.61 14.25 6.92
C HIS A 392 -10.99 15.07 5.79
N GLY A 393 -11.27 16.37 5.78
CA GLY A 393 -10.75 17.29 4.77
C GLY A 393 -11.49 18.60 4.60
N LEU A 394 -11.06 19.42 3.61
CA LEU A 394 -11.58 20.77 3.33
C LEU A 394 -12.10 20.98 1.90
N ARG A 395 -12.87 22.07 1.72
CA ARG A 395 -13.45 22.55 0.46
C ARG A 395 -13.12 24.05 0.26
N PHE A 396 -12.74 24.43 -0.97
CA PHE A 396 -12.36 25.81 -1.35
C PHE A 396 -12.91 26.14 -2.74
N PRO A 397 -13.11 27.44 -3.09
CA PRO A 397 -13.56 27.75 -4.46
C PRO A 397 -12.46 27.49 -5.48
N LEU A 398 -12.82 27.37 -6.78
CA LEU A 398 -11.87 27.15 -7.89
C LEU A 398 -10.77 28.21 -8.03
N SER A 399 -11.03 29.44 -7.52
CA SER A 399 -10.12 30.59 -7.51
C SER A 399 -8.88 30.33 -6.62
N HIS A 400 -9.04 29.45 -5.61
CA HIS A 400 -8.01 29.07 -4.64
C HIS A 400 -7.04 28.02 -5.18
N LEU A 401 -7.42 27.34 -6.29
CA LEU A 401 -6.63 26.30 -6.96
C LEU A 401 -5.19 26.69 -7.28
N ASP A 402 -4.96 27.90 -7.79
CA ASP A 402 -3.61 28.37 -8.13
C ASP A 402 -2.73 28.48 -6.87
N ALA A 403 -3.28 29.08 -5.78
CA ALA A 403 -2.64 29.21 -4.47
C ALA A 403 -2.40 27.83 -3.83
N LEU A 404 -3.38 26.89 -3.93
CA LEU A 404 -3.21 25.53 -3.38
C LEU A 404 -2.12 24.77 -4.12
N LYS A 405 -2.02 24.98 -5.46
CA LYS A 405 -0.97 24.35 -6.28
C LYS A 405 0.41 24.95 -5.95
N GLN A 406 0.45 26.24 -5.56
CA GLN A 406 1.68 26.91 -5.09
C GLN A 406 2.18 26.23 -3.81
N ILE A 407 1.27 25.90 -2.85
CA ILE A 407 1.60 25.22 -1.59
C ILE A 407 2.09 23.77 -1.83
N TRP A 408 1.39 23.02 -2.71
N TRP A 408 1.40 23.01 -2.71
CA TRP A 408 1.73 21.63 -3.07
CA TRP A 408 1.76 21.64 -3.03
C TRP A 408 3.13 21.52 -3.67
C TRP A 408 3.13 21.52 -3.68
N ASN A 409 3.41 22.33 -4.71
CA ASN A 409 4.67 22.30 -5.44
C ASN A 409 5.79 23.22 -4.92
N SER A 410 5.82 23.47 -3.60
CA SER A 410 6.85 24.31 -2.98
C SER A 410 7.42 23.73 -1.68
N PRO A 411 8.78 23.68 -1.54
CA PRO A 411 9.38 23.17 -0.30
C PRO A 411 9.03 24.03 0.92
N ALA A 412 8.85 25.36 0.69
CA ALA A 412 8.46 26.41 1.64
C ALA A 412 7.95 27.62 0.85
N ILE A 413 6.87 28.27 1.33
CA ILE A 413 6.27 29.43 0.65
C ILE A 413 5.83 30.52 1.66
N SER A 414 6.04 31.80 1.30
CA SER A 414 5.58 32.93 2.10
C SER A 414 4.08 33.05 1.87
N VAL A 415 3.28 33.24 2.96
CA VAL A 415 1.83 33.43 2.91
C VAL A 415 1.47 34.64 1.98
N LYS A 416 2.29 35.73 2.03
CA LYS A 416 2.10 36.96 1.24
C LYS A 416 2.29 36.73 -0.27
N ASP A 417 3.04 35.66 -0.65
CA ASP A 417 3.35 35.27 -2.02
C ASP A 417 2.24 34.44 -2.69
N LEU A 418 1.20 34.05 -1.96
CA LEU A 418 0.09 33.25 -2.52
C LEU A 418 -0.72 34.05 -3.52
N LYS A 419 -1.17 33.38 -4.59
CA LYS A 419 -1.95 34.00 -5.66
C LYS A 419 -3.45 34.07 -5.30
N LEU A 420 -3.81 35.04 -4.44
CA LEU A 420 -5.18 35.36 -4.02
C LEU A 420 -5.31 36.90 -3.99
N THR A 421 -6.53 37.44 -4.26
CA THR A 421 -6.76 38.90 -4.33
C THR A 421 -6.44 39.72 -3.07
N THR A 422 -7.07 39.37 -1.93
CA THR A 422 -6.84 40.05 -0.64
C THR A 422 -5.80 39.31 0.19
N ASP A 423 -5.17 40.03 1.15
CA ASP A 423 -4.19 39.47 2.08
C ASP A 423 -4.92 38.59 3.10
N GLU A 424 -6.20 38.90 3.35
CA GLU A 424 -7.10 38.19 4.25
C GLU A 424 -7.38 36.78 3.70
N GLU A 425 -7.68 36.67 2.39
CA GLU A 425 -7.93 35.41 1.70
C GLU A 425 -6.71 34.47 1.77
N LYS A 426 -5.48 35.06 1.73
CA LYS A 426 -4.21 34.34 1.83
C LYS A 426 -4.09 33.76 3.24
N GLU A 427 -4.45 34.59 4.26
CA GLU A 427 -4.42 34.22 5.67
C GLU A 427 -5.46 33.18 6.03
N SER A 428 -6.68 33.32 5.47
CA SER A 428 -7.78 32.38 5.70
C SER A 428 -7.42 30.99 5.18
N LEU A 429 -6.81 30.91 3.97
CA LEU A 429 -6.40 29.65 3.32
C LEU A 429 -5.45 28.84 4.19
N VAL A 430 -4.38 29.47 4.64
CA VAL A 430 -3.34 28.87 5.47
C VAL A 430 -3.85 28.51 6.88
N LEU A 431 -4.79 29.32 7.41
CA LEU A 431 -5.44 29.06 8.70
C LEU A 431 -6.32 27.82 8.59
N SER A 432 -7.00 27.63 7.42
CA SER A 432 -7.82 26.44 7.12
C SER A 432 -6.96 25.21 7.07
N LEU A 433 -5.83 25.27 6.34
CA LEU A 433 -4.86 24.19 6.21
C LEU A 433 -4.27 23.79 7.58
N TRP A 434 -3.91 24.78 8.42
CA TRP A 434 -3.33 24.60 9.76
C TRP A 434 -4.28 23.85 10.73
N THR A 435 -5.61 24.18 10.70
CA THR A 435 -6.63 23.51 11.55
C THR A 435 -6.75 22.02 11.29
N GLU A 436 -6.32 21.53 10.10
CA GLU A 436 -6.28 20.12 9.69
C GLU A 436 -4.93 19.49 9.89
N CYS A 437 -3.92 20.28 10.28
CA CYS A 437 -2.52 19.87 10.47
C CYS A 437 -1.78 19.59 9.18
N LEU A 438 -2.22 20.23 8.07
CA LEU A 438 -1.66 20.06 6.73
C LEU A 438 -0.51 20.99 6.42
N ILE A 439 -0.31 22.02 7.27
CA ILE A 439 0.79 22.97 7.15
C ILE A 439 1.59 23.15 8.45
N GLN A 440 2.89 23.44 8.27
CA GLN A 440 3.87 23.69 9.31
C GLN A 440 4.40 25.12 9.12
N VAL A 441 4.55 25.88 10.22
CA VAL A 441 5.08 27.25 10.13
C VAL A 441 6.59 27.21 10.30
N VAL A 442 7.32 27.68 9.27
CA VAL A 442 8.79 27.73 9.22
C VAL A 442 9.28 28.99 9.94
C1 OGA B . 1.16 -17.17 4.52
C2 OGA B . 0.63 -18.48 4.60
C4 OGA B . 0.28 -20.57 5.82
C5 OGA B . 0.52 -21.22 7.16
O1 OGA B . 1.72 -16.61 5.57
O2 OGA B . 0.97 -16.82 3.31
O2' OGA B . 0.07 -19.03 3.55
O3 OGA B . -0.02 -22.28 7.35
N1 OGA B . 0.75 -19.10 5.88
O4 OGA B . 1.20 -20.82 8.05
NI NI C . 0.03 -17.94 1.92
NI NI D . 7.50 -30.54 8.35
NI NI E . -13.97 1.65 1.77
NI NI F . -10.59 32.08 1.13
NI NI G . -11.99 -14.25 7.26
NI NI H . -10.74 17.68 10.50
MN MN I . 25.11 -15.49 19.48
C1 EDO J . -0.45 -3.00 23.01
O1 EDO J . 0.28 -3.36 21.83
C2 EDO J . -1.20 -4.24 23.51
O2 EDO J . -2.41 -4.41 22.75
C1 EDO K . 17.68 -12.57 -9.30
O1 EDO K . 17.86 -11.51 -8.37
C2 EDO K . 16.35 -12.44 -10.04
O2 EDO K . 15.69 -13.73 -10.16
CD CD L . 4.16 9.74 5.00
CD CD M . -8.81 -19.57 26.83
CD CD N . -4.54 17.18 14.64
#